data_3AKF
#
_entry.id   3AKF
#
_cell.length_a   40.961
_cell.length_b   91.481
_cell.length_c   135.451
_cell.angle_alpha   90.00
_cell.angle_beta   90.00
_cell.angle_gamma   90.00
#
_symmetry.space_group_name_H-M   'P 21 21 21'
#
loop_
_entity.id
_entity.type
_entity.pdbx_description
1 polymer 'Putative secreted alpha L-arabinofuranosidase II'
2 non-polymer 'CHLORIDE ION'
3 non-polymer 'SODIUM ION'
4 non-polymer GLYCEROL
5 water water
#
_entity_poly.entity_id   1
_entity_poly.type   'polypeptide(L)'
_entity_poly.pdbx_seq_one_letter_code
;MTAPASPSVTFTNPLAEKRADPHIFKHTDGYYYFTATVPEYDRIVLRRATTLQGLATAPETTIWTKHASGVMGAHIWAPE
IHFIDGKWYVYFAAGSTSDVWAIRMYVLESGAANPLTGSWTEKGQIATPVSSFSLDATTFVVNGVRHLAWAQRNPAEDNN
TSLFIAKMANPWTISGTPTEISQPTLSWETVGYKVNEGPAVIQHGGKVFLTYSASATDANYCLGMLSASASADLLNAASW
TKSSQPVFKTSEATGQYGPGHNSFTVSEDGKSDILVYHDRNYKDISGDPLNDPNRRTRLQKVYWNADGTPNFGIPVADGV
TPVRFSSYNYPDRYIRHWDFRARIEANVTNLADSQFRVVTGLAGSGTISLESANYPGYYLRHKNYEVWVEKNDGSSAFKN
DASFSRRAGLADSADGIAFESYNYPGRYLRHYENLLRIQPVSTALDRQDATFYAEKLAAALEHHHHHH
;
_entity_poly.pdbx_strand_id   A
#
loop_
_chem_comp.id
_chem_comp.type
_chem_comp.name
_chem_comp.formula
CL non-polymer 'CHLORIDE ION' 'Cl -1'
GOL non-polymer GLYCEROL 'C3 H8 O3'
NA non-polymer 'SODIUM ION' 'Na 1'
#
# COMPACT_ATOMS: atom_id res chain seq x y z
N THR A 10 -10.53 0.18 9.10
CA THR A 10 -10.29 -0.82 8.02
C THR A 10 -10.77 -0.34 6.64
N PHE A 11 -10.25 -0.97 5.59
CA PHE A 11 -10.73 -0.70 4.23
C PHE A 11 -11.35 -1.97 3.69
N THR A 12 -12.04 -1.85 2.56
CA THR A 12 -12.57 -2.99 1.88
C THR A 12 -11.92 -3.02 0.52
N ASN A 13 -11.16 -4.09 0.28
CA ASN A 13 -10.47 -4.24 -0.99
C ASN A 13 -11.21 -5.17 -1.96
N PRO A 14 -11.26 -4.79 -3.25
CA PRO A 14 -10.55 -3.66 -3.88
C PRO A 14 -11.30 -2.34 -3.80
N LEU A 15 -10.57 -1.25 -3.94
CA LEU A 15 -11.14 0.08 -3.94
C LEU A 15 -11.76 0.36 -5.30
N ALA A 16 -11.07 -0.05 -6.36
CA ALA A 16 -11.51 0.27 -7.71
C ALA A 16 -11.03 -0.79 -8.68
N GLU A 17 -11.98 -1.38 -9.40
CA GLU A 17 -11.66 -2.37 -10.43
C GLU A 17 -11.16 -1.66 -11.66
N LYS A 18 -10.31 -2.32 -12.44
CA LYS A 18 -9.81 -1.81 -13.73
C LYS A 18 -9.21 -0.38 -13.62
N ARG A 19 -8.49 -0.16 -12.52
CA ARG A 19 -7.76 1.07 -12.31
C ARG A 19 -6.38 0.72 -11.80
N ALA A 20 -5.38 1.07 -12.60
CA ALA A 20 -4.00 0.71 -12.31
C ALA A 20 -3.22 1.96 -11.97
N ASP A 21 -2.01 1.77 -11.42
CA ASP A 21 -1.09 2.85 -11.08
C ASP A 21 -1.84 3.91 -10.24
N PRO A 22 -2.45 3.51 -9.10
CA PRO A 22 -3.29 4.48 -8.38
C PRO A 22 -2.48 5.59 -7.72
N HIS A 23 -3.07 6.79 -7.71
CA HIS A 23 -2.51 7.87 -6.94
C HIS A 23 -3.64 8.62 -6.24
N ILE A 24 -3.47 8.76 -4.93
CA ILE A 24 -4.40 9.45 -4.06
C ILE A 24 -3.67 10.59 -3.37
N PHE A 25 -4.22 11.79 -3.50
CA PHE A 25 -3.74 12.97 -2.80
C PHE A 25 -4.76 13.46 -1.78
N LYS A 26 -4.33 13.63 -0.53
CA LYS A 26 -5.18 14.19 0.51
C LYS A 26 -5.01 15.70 0.60
N HIS A 27 -6.05 16.43 0.20
CA HIS A 27 -6.01 17.90 0.19
C HIS A 27 -6.49 18.54 1.52
N THR A 28 -6.16 19.82 1.69
CA THR A 28 -6.59 20.61 2.83
C THR A 28 -8.07 20.99 2.76
N ASP A 29 -8.76 20.64 1.68
CA ASP A 29 -10.14 21.10 1.52
C ASP A 29 -11.12 20.06 2.07
N GLY A 30 -10.57 19.06 2.77
CA GLY A 30 -11.35 17.94 3.35
C GLY A 30 -11.59 16.80 2.37
N TYR A 31 -10.92 16.83 1.23
CA TYR A 31 -11.07 15.77 0.23
C TYR A 31 -9.79 14.97 -0.13
N TYR A 32 -10.03 13.72 -0.52
CA TYR A 32 -9.05 12.85 -1.16
C TYR A 32 -9.31 12.86 -2.66
N TYR A 33 -8.23 12.94 -3.44
CA TYR A 33 -8.32 12.95 -4.88
C TYR A 33 -7.61 11.74 -5.43
N PHE A 34 -8.32 11.03 -6.30
CA PHE A 34 -7.89 9.73 -6.78
C PHE A 34 -7.86 9.73 -8.30
N THR A 35 -6.67 9.49 -8.85
CA THR A 35 -6.52 9.31 -10.29
C THR A 35 -5.78 8.00 -10.54
N ALA A 36 -5.81 7.54 -11.78
CA ALA A 36 -5.24 6.24 -12.09
C ALA A 36 -5.18 6.02 -13.59
N THR A 37 -4.45 4.99 -14.00
CA THR A 37 -4.38 4.56 -15.39
C THR A 37 -5.62 3.72 -15.66
N VAL A 38 -6.34 4.10 -16.71
CA VAL A 38 -7.50 3.33 -17.15
C VAL A 38 -7.04 2.41 -18.27
N PRO A 39 -7.75 1.28 -18.48
CA PRO A 39 -7.28 0.30 -19.47
C PRO A 39 -7.22 0.85 -20.91
N GLU A 40 -8.04 1.84 -21.23
CA GLU A 40 -8.00 2.38 -22.58
C GLU A 40 -6.70 3.17 -22.84
N TYR A 41 -6.09 3.69 -21.78
CA TYR A 41 -4.87 4.49 -21.86
C TYR A 41 -5.09 5.76 -22.70
N ASP A 42 -6.25 6.39 -22.58
CA ASP A 42 -6.59 7.45 -23.52
C ASP A 42 -6.89 8.76 -22.81
N ARG A 43 -6.87 8.76 -21.49
CA ARG A 43 -7.37 9.92 -20.77
C ARG A 43 -7.02 9.89 -19.30
N ILE A 44 -7.34 11.00 -18.63
CA ILE A 44 -7.04 11.17 -17.25
C ILE A 44 -8.35 11.34 -16.49
N VAL A 45 -8.67 10.37 -15.64
CA VAL A 45 -9.86 10.48 -14.79
C VAL A 45 -9.52 10.99 -13.40
N LEU A 46 -10.53 11.53 -12.73
CA LEU A 46 -10.37 11.99 -11.36
C LEU A 46 -11.68 11.86 -10.59
N ARG A 47 -11.60 11.43 -9.34
CA ARG A 47 -12.75 11.40 -8.43
C ARG A 47 -12.30 11.82 -7.04
N ARG A 48 -13.20 12.43 -6.26
CA ARG A 48 -12.87 12.80 -4.89
C ARG A 48 -13.85 12.23 -3.90
N ALA A 49 -13.42 12.08 -2.65
CA ALA A 49 -14.30 11.69 -1.55
C ALA A 49 -13.73 12.21 -0.24
N THR A 50 -14.59 12.47 0.74
CA THR A 50 -14.16 12.94 2.09
C THR A 50 -13.39 11.87 2.86
N THR A 51 -13.65 10.60 2.56
CA THR A 51 -12.92 9.48 3.19
C THR A 51 -12.29 8.60 2.12
N LEU A 52 -11.24 7.87 2.51
CA LEU A 52 -10.63 6.89 1.60
C LEU A 52 -11.63 5.86 1.11
N GLN A 53 -12.50 5.39 2.01
CA GLN A 53 -13.48 4.39 1.60
C GLN A 53 -14.61 4.99 0.72
N GLY A 54 -14.88 6.29 0.92
CA GLY A 54 -15.84 6.98 0.04
C GLY A 54 -15.41 6.89 -1.43
N LEU A 55 -14.10 6.75 -1.66
CA LEU A 55 -13.59 6.75 -3.02
C LEU A 55 -14.10 5.60 -3.85
N ALA A 56 -14.45 4.50 -3.21
CA ALA A 56 -15.04 3.34 -3.92
C ALA A 56 -16.30 3.71 -4.70
N THR A 57 -17.10 4.65 -4.20
CA THR A 57 -18.35 5.00 -4.90
C THR A 57 -18.36 6.40 -5.51
N ALA A 58 -17.25 7.13 -5.41
CA ALA A 58 -17.20 8.49 -5.97
C ALA A 58 -17.22 8.43 -7.49
N PRO A 59 -18.01 9.31 -8.12
CA PRO A 59 -18.10 9.37 -9.59
C PRO A 59 -16.87 10.00 -10.22
N GLU A 60 -16.35 9.36 -11.27
CA GLU A 60 -15.20 9.85 -12.00
C GLU A 60 -15.57 10.92 -13.03
N THR A 61 -14.73 11.95 -13.10
CA THR A 61 -14.81 12.98 -14.14
C THR A 61 -13.55 12.86 -15.01
N THR A 62 -13.71 13.07 -16.31
CA THR A 62 -12.57 13.08 -17.21
C THR A 62 -12.05 14.50 -17.33
N ILE A 63 -10.87 14.72 -16.78
CA ILE A 63 -10.31 16.07 -16.71
C ILE A 63 -9.49 16.40 -17.95
N TRP A 64 -9.11 15.38 -18.72
CA TRP A 64 -8.24 15.56 -19.87
C TRP A 64 -8.24 14.30 -20.73
N THR A 65 -8.24 14.49 -22.05
CA THR A 65 -8.25 13.37 -23.01
C THR A 65 -7.09 13.50 -23.99
N LYS A 66 -6.52 12.36 -24.38
CA LYS A 66 -5.40 12.32 -25.32
C LYS A 66 -5.62 13.18 -26.56
N HIS A 67 -4.52 13.69 -27.11
CA HIS A 67 -4.55 14.44 -28.35
C HIS A 67 -4.86 13.54 -29.55
N ALA A 68 -5.54 14.13 -30.54
CA ALA A 68 -5.88 13.48 -31.79
C ALA A 68 -4.68 13.08 -32.62
N SER A 69 -3.61 13.88 -32.54
CA SER A 69 -2.40 13.64 -33.33
C SER A 69 -1.20 14.30 -32.67
N GLY A 70 -0.05 13.64 -32.82
CA GLY A 70 1.21 14.12 -32.25
C GLY A 70 1.44 13.70 -30.80
N VAL A 71 2.38 14.38 -30.14
CA VAL A 71 2.70 14.14 -28.73
C VAL A 71 1.46 14.18 -27.81
N MET A 72 1.53 13.42 -26.71
CA MET A 72 0.41 13.31 -25.78
C MET A 72 -0.83 12.74 -26.52
N GLY A 73 -0.56 11.81 -27.44
CA GLY A 73 -1.63 11.28 -28.28
C GLY A 73 -1.87 9.80 -28.08
N ALA A 74 -1.05 9.17 -27.24
CA ALA A 74 -1.14 7.74 -27.02
C ALA A 74 -0.57 7.35 -25.66
N HIS A 75 -1.00 6.20 -25.16
CA HIS A 75 -0.45 5.60 -23.96
C HIS A 75 -0.42 6.61 -22.80
N ILE A 76 -1.59 7.12 -22.44
CA ILE A 76 -1.74 8.05 -21.35
C ILE A 76 -1.61 7.22 -20.09
N TRP A 77 -0.45 7.28 -19.42
CA TRP A 77 -0.13 6.39 -18.31
C TRP A 77 0.18 7.08 -17.00
N ALA A 78 -0.33 6.50 -15.92
CA ALA A 78 0.13 6.74 -14.54
C ALA A 78 0.11 8.21 -14.08
N PRO A 79 -1.09 8.81 -14.08
CA PRO A 79 -1.12 10.18 -13.57
C PRO A 79 -1.03 10.26 -12.04
N GLU A 80 -0.42 11.36 -11.56
CA GLU A 80 -0.42 11.75 -10.14
C GLU A 80 -1.02 13.13 -10.08
N ILE A 81 -1.74 13.42 -9.00
CA ILE A 81 -2.27 14.76 -8.77
C ILE A 81 -1.63 15.37 -7.52
N HIS A 82 -1.16 16.61 -7.65
CA HIS A 82 -0.57 17.31 -6.52
C HIS A 82 -1.10 18.72 -6.43
N PHE A 83 -1.22 19.22 -5.20
CA PHE A 83 -1.49 20.64 -5.00
C PHE A 83 -0.18 21.28 -4.55
N ILE A 84 0.24 22.32 -5.28
CA ILE A 84 1.54 22.97 -5.04
C ILE A 84 1.41 24.47 -5.24
N ASP A 85 1.78 25.24 -4.21
CA ASP A 85 1.89 26.70 -4.31
C ASP A 85 0.62 27.32 -4.90
N GLY A 86 -0.52 26.94 -4.33
CA GLY A 86 -1.82 27.47 -4.75
C GLY A 86 -2.51 26.83 -5.95
N LYS A 87 -1.84 25.88 -6.62
CA LYS A 87 -2.35 25.26 -7.87
C LYS A 87 -2.30 23.73 -7.86
N TRP A 88 -3.03 23.12 -8.81
CA TRP A 88 -3.04 21.67 -9.05
C TRP A 88 -2.09 21.32 -10.17
N TYR A 89 -1.37 20.21 -9.98
CA TYR A 89 -0.50 19.69 -11.04
C TYR A 89 -0.78 18.23 -11.21
N VAL A 90 -0.97 17.84 -12.46
CA VAL A 90 -1.05 16.43 -12.83
C VAL A 90 0.17 16.08 -13.70
N TYR A 91 0.90 15.06 -13.20
CA TYR A 91 2.04 14.43 -13.85
C TYR A 91 1.60 13.14 -14.49
N PHE A 92 1.82 13.01 -15.79
CA PHE A 92 1.50 11.79 -16.50
C PHE A 92 2.57 11.51 -17.56
N ALA A 93 2.44 10.35 -18.22
CA ALA A 93 3.36 9.97 -19.30
C ALA A 93 2.53 9.66 -20.52
N ALA A 94 3.11 9.88 -21.71
CA ALA A 94 2.37 9.80 -22.97
C ALA A 94 3.30 9.58 -24.16
N GLY A 95 2.82 8.81 -25.12
CA GLY A 95 3.51 8.62 -26.39
C GLY A 95 2.83 9.48 -27.42
N SER A 96 3.24 9.30 -28.68
CA SER A 96 2.72 10.09 -29.79
C SER A 96 1.89 9.19 -30.68
N THR A 97 0.95 9.79 -31.43
CA THR A 97 0.20 9.04 -32.49
C THR A 97 1.14 8.45 -33.53
N SER A 98 2.11 9.28 -33.94
CA SER A 98 3.15 8.94 -34.91
C SER A 98 4.15 7.94 -34.36
N ASP A 99 4.23 7.88 -33.03
CA ASP A 99 5.17 6.97 -32.33
C ASP A 99 4.69 6.74 -30.90
N VAL A 100 4.09 5.57 -30.68
CA VAL A 100 3.41 5.26 -29.45
C VAL A 100 4.34 4.85 -28.30
N TRP A 101 5.60 4.53 -28.61
CA TRP A 101 6.57 4.13 -27.58
C TRP A 101 7.61 5.22 -27.29
N ALA A 102 7.42 6.39 -27.88
CA ALA A 102 8.24 7.54 -27.56
C ALA A 102 7.51 8.18 -26.38
N ILE A 103 7.61 7.51 -25.22
CA ILE A 103 6.88 7.92 -24.02
C ILE A 103 7.71 8.97 -23.30
N ARG A 104 7.08 10.13 -23.07
CA ARG A 104 7.68 11.19 -22.25
C ARG A 104 6.77 11.63 -21.10
N MET A 105 7.32 12.47 -20.21
CA MET A 105 6.62 13.02 -19.04
C MET A 105 5.98 14.39 -19.31
N TYR A 106 4.76 14.59 -18.86
CA TYR A 106 4.01 15.79 -19.19
C TYR A 106 3.33 16.34 -17.96
N VAL A 107 2.99 17.63 -17.99
CA VAL A 107 2.39 18.25 -16.82
C VAL A 107 1.16 19.05 -17.17
N LEU A 108 0.14 18.91 -16.34
CA LEU A 108 -1.08 19.76 -16.39
C LEU A 108 -1.16 20.67 -15.19
N GLU A 109 -1.72 21.87 -15.37
CA GLU A 109 -1.84 22.82 -14.29
C GLU A 109 -3.25 23.39 -14.22
N SER A 110 -3.80 23.44 -13.02
CA SER A 110 -5.10 24.12 -12.82
C SER A 110 -5.10 25.05 -11.60
N GLY A 111 -5.54 26.28 -11.84
CA GLY A 111 -5.69 27.26 -10.77
C GLY A 111 -7.01 27.21 -10.03
N ALA A 112 -7.94 26.39 -10.50
CA ALA A 112 -9.29 26.32 -9.91
C ALA A 112 -9.30 25.57 -8.58
N ALA A 113 -10.25 25.95 -7.71
CA ALA A 113 -10.39 25.38 -6.38
C ALA A 113 -10.73 23.89 -6.45
N ASN A 114 -11.60 23.54 -7.40
CA ASN A 114 -12.03 22.18 -7.63
C ASN A 114 -11.41 21.64 -8.93
N PRO A 115 -10.48 20.66 -8.82
CA PRO A 115 -9.80 20.11 -9.99
C PRO A 115 -10.70 19.22 -10.85
N LEU A 116 -11.80 18.73 -10.26
CA LEU A 116 -12.85 18.01 -11.00
C LEU A 116 -13.54 18.89 -12.05
N THR A 117 -13.78 20.16 -11.70
CA THR A 117 -14.57 21.00 -12.57
C THR A 117 -13.74 22.10 -13.17
N GLY A 118 -12.49 22.20 -12.71
CA GLY A 118 -11.63 23.30 -13.08
C GLY A 118 -11.13 23.14 -14.49
N SER A 119 -10.49 24.18 -15.01
CA SER A 119 -9.93 24.12 -16.34
C SER A 119 -8.43 23.89 -16.26
N TRP A 120 -7.91 23.12 -17.22
CA TRP A 120 -6.52 22.66 -17.19
C TRP A 120 -5.71 23.24 -18.34
N THR A 121 -4.49 23.71 -18.03
CA THR A 121 -3.53 24.06 -19.09
C THR A 121 -2.32 23.12 -19.13
N GLU A 122 -1.93 22.75 -20.34
CA GLU A 122 -0.77 21.91 -20.57
C GLU A 122 0.51 22.71 -20.41
N LYS A 123 1.38 22.22 -19.52
CA LYS A 123 2.69 22.82 -19.28
C LYS A 123 3.75 22.14 -20.15
N GLY A 124 3.33 21.19 -20.98
CA GLY A 124 4.25 20.60 -21.93
C GLY A 124 5.09 19.49 -21.31
N GLN A 125 6.17 19.13 -22.00
CA GLN A 125 7.01 17.98 -21.59
C GLN A 125 7.96 18.36 -20.47
N ILE A 126 8.15 17.47 -19.52
CA ILE A 126 9.21 17.67 -18.57
C ILE A 126 10.54 17.40 -19.31
N ALA A 127 11.30 18.46 -19.56
CA ALA A 127 12.57 18.34 -20.28
C ALA A 127 13.63 17.64 -19.44
N THR A 128 14.49 16.92 -20.13
CA THR A 128 15.50 16.10 -19.49
C THR A 128 16.71 16.09 -20.46
N PRO A 129 17.96 16.07 -19.95
CA PRO A 129 19.06 16.20 -20.92
C PRO A 129 19.09 15.09 -21.98
N VAL A 130 18.73 13.87 -21.58
CA VAL A 130 18.73 12.71 -22.46
C VAL A 130 17.34 12.49 -23.00
N SER A 131 17.21 12.41 -24.31
CA SER A 131 15.88 12.20 -24.86
C SER A 131 15.68 10.73 -25.00
N SER A 132 14.98 10.14 -24.02
CA SER A 132 14.66 8.69 -24.03
C SER A 132 13.37 8.36 -23.27
N PHE A 133 12.93 7.10 -23.42
CA PHE A 133 11.76 6.55 -22.73
C PHE A 133 11.67 7.02 -21.27
N SER A 134 10.59 7.75 -20.96
CA SER A 134 10.44 8.37 -19.64
C SER A 134 9.01 8.42 -19.16
N LEU A 135 8.82 8.09 -17.89
CA LEU A 135 7.48 8.02 -17.28
C LEU A 135 7.54 8.00 -15.75
N ASP A 136 6.36 8.05 -15.12
CA ASP A 136 6.22 7.82 -13.67
C ASP A 136 6.79 8.95 -12.82
N ALA A 137 6.70 10.18 -13.35
CA ALA A 137 7.15 11.35 -12.60
C ALA A 137 6.31 11.49 -11.34
N THR A 138 7.00 11.68 -10.22
CA THR A 138 6.37 11.99 -8.94
C THR A 138 7.17 13.12 -8.32
N THR A 139 6.54 13.87 -7.45
CA THR A 139 7.20 15.00 -6.84
C THR A 139 7.02 14.94 -5.35
N PHE A 140 8.01 15.47 -4.62
CA PHE A 140 7.98 15.49 -3.17
C PHE A 140 8.91 16.59 -2.65
N VAL A 141 8.67 16.98 -1.41
CA VAL A 141 9.48 17.97 -0.74
C VAL A 141 10.20 17.29 0.42
N VAL A 142 11.52 17.48 0.49
CA VAL A 142 12.31 17.08 1.63
C VAL A 142 13.02 18.30 2.20
N ASN A 143 12.82 18.58 3.49
CA ASN A 143 13.43 19.74 4.14
C ASN A 143 13.14 21.01 3.34
N GLY A 144 11.90 21.17 2.89
CA GLY A 144 11.49 22.37 2.15
C GLY A 144 12.01 22.51 0.71
N VAL A 145 12.77 21.53 0.23
CA VAL A 145 13.27 21.55 -1.15
C VAL A 145 12.52 20.54 -2.01
N ARG A 146 11.94 21.01 -3.12
CA ARG A 146 11.19 20.12 -4.02
C ARG A 146 12.07 19.29 -4.98
N HIS A 147 11.72 18.02 -5.12
CA HIS A 147 12.41 17.10 -6.01
C HIS A 147 11.44 16.43 -6.95
N LEU A 148 11.95 15.97 -8.10
CA LEU A 148 11.24 15.09 -8.99
C LEU A 148 11.99 13.77 -9.03
N ALA A 149 11.26 12.66 -9.01
CA ALA A 149 11.87 11.35 -9.28
C ALA A 149 11.02 10.71 -10.35
N TRP A 150 11.65 9.88 -11.18
CA TRP A 150 10.96 9.34 -12.35
C TRP A 150 11.66 8.11 -12.91
N ALA A 151 11.01 7.46 -13.86
CA ALA A 151 11.57 6.29 -14.52
C ALA A 151 11.97 6.66 -15.94
N GLN A 152 13.23 6.40 -16.29
CA GLN A 152 13.71 6.73 -17.61
C GLN A 152 14.78 5.74 -18.09
N ARG A 153 14.81 5.51 -19.39
CA ARG A 153 15.90 4.76 -20.00
C ARG A 153 17.28 5.47 -19.97
N ASN A 154 18.27 4.85 -19.33
CA ASN A 154 19.66 5.22 -19.54
C ASN A 154 20.19 4.45 -20.76
N PRO A 155 20.31 5.14 -21.91
CA PRO A 155 20.64 4.49 -23.20
C PRO A 155 21.92 3.63 -23.18
N ALA A 156 22.80 3.91 -22.22
CA ALA A 156 24.06 3.17 -22.07
C ALA A 156 23.91 1.92 -21.20
N GLU A 157 22.65 1.52 -20.98
CA GLU A 157 22.34 0.31 -20.20
C GLU A 157 21.41 -0.54 -21.03
N ASP A 158 21.52 -1.84 -20.86
CA ASP A 158 20.68 -2.76 -21.62
C ASP A 158 19.57 -3.22 -20.68
N ASN A 159 18.46 -2.47 -20.74
CA ASN A 159 17.31 -2.62 -19.83
C ASN A 159 16.19 -1.71 -20.30
N ASN A 160 15.11 -1.63 -19.51
CA ASN A 160 13.97 -0.78 -19.84
C ASN A 160 14.09 0.60 -19.18
N THR A 161 14.07 0.66 -17.85
CA THR A 161 14.14 1.95 -17.16
C THR A 161 14.92 1.87 -15.89
N SER A 162 15.52 3.00 -15.54
CA SER A 162 16.23 3.18 -14.28
C SER A 162 15.56 4.32 -13.50
N LEU A 163 15.99 4.55 -12.26
CA LEU A 163 15.41 5.61 -11.45
C LEU A 163 16.27 6.88 -11.38
N PHE A 164 15.63 8.01 -11.64
CA PHE A 164 16.31 9.30 -11.63
C PHE A 164 15.66 10.27 -10.62
N ILE A 165 16.47 11.18 -10.08
CA ILE A 165 16.01 12.21 -9.14
C ILE A 165 16.67 13.54 -9.56
N ALA A 166 15.90 14.62 -9.48
CA ALA A 166 16.43 15.95 -9.76
C ALA A 166 15.73 16.95 -8.87
N LYS A 167 16.37 18.08 -8.63
CA LYS A 167 15.71 19.16 -7.94
C LYS A 167 14.83 19.84 -8.97
N MET A 168 13.88 20.66 -8.52
CA MET A 168 12.99 21.39 -9.45
C MET A 168 13.12 22.90 -9.37
N ALA A 169 12.98 23.56 -10.52
CA ALA A 169 12.91 25.03 -10.58
C ALA A 169 11.48 25.51 -10.46
N ASN A 170 10.57 24.70 -10.98
CA ASN A 170 9.11 24.88 -10.84
C ASN A 170 8.41 23.50 -11.01
N PRO A 171 7.08 23.41 -10.77
CA PRO A 171 6.42 22.11 -10.88
C PRO A 171 6.57 21.33 -12.17
N TRP A 172 6.98 21.97 -13.27
CA TRP A 172 7.12 21.27 -14.54
C TRP A 172 8.55 21.30 -15.09
N THR A 173 9.53 21.76 -14.30
CA THR A 173 10.90 21.95 -14.80
C THR A 173 11.93 21.55 -13.76
N ILE A 174 12.84 20.65 -14.10
CA ILE A 174 13.94 20.36 -13.18
C ILE A 174 15.03 21.44 -13.25
N SER A 175 15.81 21.58 -12.18
CA SER A 175 17.01 22.40 -12.23
C SER A 175 18.21 21.50 -12.04
N GLY A 176 19.31 21.91 -12.66
CA GLY A 176 20.55 21.14 -12.56
C GLY A 176 20.37 19.85 -13.32
N THR A 177 21.19 18.87 -12.94
CA THR A 177 21.28 17.60 -13.63
C THR A 177 20.63 16.46 -12.81
N PRO A 178 20.05 15.47 -13.51
CA PRO A 178 19.54 14.28 -12.82
C PRO A 178 20.65 13.39 -12.34
N THR A 179 20.41 12.72 -11.21
CA THR A 179 21.24 11.61 -10.79
C THR A 179 20.41 10.34 -10.97
N GLU A 180 21.05 9.29 -11.50
CA GLU A 180 20.43 7.98 -11.58
C GLU A 180 20.72 7.27 -10.26
N ILE A 181 19.67 6.91 -9.52
CA ILE A 181 19.87 6.37 -8.16
C ILE A 181 19.63 4.86 -8.01
N SER A 182 19.11 4.26 -9.08
CA SER A 182 18.92 2.80 -9.12
C SER A 182 18.66 2.31 -10.54
N GLN A 183 19.22 1.14 -10.81
CA GLN A 183 18.99 0.42 -12.05
C GLN A 183 18.66 -1.03 -11.70
N PRO A 184 17.88 -1.71 -12.54
CA PRO A 184 17.54 -3.12 -12.26
C PRO A 184 18.70 -4.11 -12.49
N THR A 185 19.25 -4.67 -11.42
CA THR A 185 20.35 -5.65 -11.56
C THR A 185 20.05 -6.97 -10.87
N LEU A 186 19.23 -6.89 -9.81
CA LEU A 186 18.91 -8.02 -8.97
C LEU A 186 17.93 -8.99 -9.64
N SER A 187 18.08 -10.27 -9.32
CA SER A 187 17.28 -11.32 -9.95
C SER A 187 15.80 -11.00 -9.96
N TRP A 188 15.27 -10.54 -8.82
CA TRP A 188 13.84 -10.19 -8.75
C TRP A 188 13.44 -8.88 -9.47
N GLU A 189 14.40 -8.09 -9.94
CA GLU A 189 14.10 -6.84 -10.67
C GLU A 189 14.00 -7.02 -12.17
N THR A 190 14.49 -8.15 -12.65
CA THR A 190 14.75 -8.36 -14.07
C THR A 190 14.06 -9.60 -14.59
N VAL A 191 12.80 -9.79 -14.22
CA VAL A 191 12.03 -10.92 -14.70
C VAL A 191 11.12 -10.47 -15.83
N GLY A 192 11.30 -11.06 -17.00
CA GLY A 192 10.55 -10.65 -18.21
C GLY A 192 11.22 -9.44 -18.83
N TYR A 193 11.29 -8.35 -18.05
CA TYR A 193 12.00 -7.14 -18.43
C TYR A 193 12.84 -6.63 -17.28
N LYS A 194 13.96 -5.99 -17.59
CA LYS A 194 14.75 -5.33 -16.56
C LYS A 194 14.12 -3.95 -16.27
N VAL A 195 13.49 -3.82 -15.09
CA VAL A 195 12.67 -2.63 -14.77
C VAL A 195 12.88 -2.10 -13.34
N ASN A 196 13.09 -0.79 -13.26
CA ASN A 196 12.81 0.03 -12.07
C ASN A 196 11.86 1.13 -12.58
N GLU A 197 10.61 1.16 -12.08
CA GLU A 197 9.64 2.21 -12.45
C GLU A 197 8.79 2.63 -11.23
N GLY A 198 7.81 3.50 -11.46
CA GLY A 198 6.86 3.90 -10.42
C GLY A 198 7.35 4.39 -9.07
N PRO A 199 8.39 5.26 -9.04
CA PRO A 199 8.89 5.70 -7.73
C PRO A 199 7.84 6.44 -6.87
N ALA A 200 7.91 6.27 -5.55
CA ALA A 200 6.99 6.91 -4.59
C ALA A 200 7.78 7.11 -3.32
N VAL A 201 7.62 8.30 -2.75
CA VAL A 201 8.38 8.65 -1.53
C VAL A 201 7.46 8.72 -0.31
N ILE A 202 7.95 8.15 0.80
CA ILE A 202 7.39 8.29 2.13
C ILE A 202 8.53 8.69 3.09
N GLN A 203 8.30 9.66 3.97
CA GLN A 203 9.34 10.10 4.88
C GLN A 203 8.91 9.79 6.30
N HIS A 204 9.84 9.26 7.07
CA HIS A 204 9.51 8.92 8.44
C HIS A 204 10.78 8.84 9.29
N GLY A 205 10.71 9.37 10.53
CA GLY A 205 11.76 9.21 11.52
C GLY A 205 13.15 9.60 11.03
N GLY A 206 13.22 10.71 10.32
CA GLY A 206 14.50 11.21 9.80
C GLY A 206 15.00 10.52 8.55
N LYS A 207 14.18 9.62 7.99
CA LYS A 207 14.57 8.89 6.80
C LYS A 207 13.61 9.16 5.64
N VAL A 208 14.11 8.90 4.43
CA VAL A 208 13.34 9.02 3.20
C VAL A 208 13.31 7.65 2.56
N PHE A 209 12.12 7.09 2.37
CA PHE A 209 11.99 5.78 1.69
C PHE A 209 11.37 5.93 0.33
N LEU A 210 12.05 5.35 -0.66
CA LEU A 210 11.59 5.47 -2.03
C LEU A 210 11.33 4.08 -2.55
N THR A 211 10.08 3.67 -2.52
CA THR A 211 9.70 2.39 -3.06
C THR A 211 9.59 2.55 -4.58
N TYR A 212 9.84 1.45 -5.29
CA TYR A 212 9.71 1.44 -6.74
C TYR A 212 9.20 0.07 -7.20
N SER A 213 8.63 0.04 -8.39
CA SER A 213 8.20 -1.22 -8.97
C SER A 213 9.28 -1.85 -9.86
N ALA A 214 9.31 -3.18 -9.88
CA ALA A 214 10.37 -3.93 -10.55
C ALA A 214 9.81 -5.20 -11.22
N SER A 215 10.58 -5.71 -12.19
CA SER A 215 10.16 -6.76 -13.14
C SER A 215 8.97 -6.38 -14.00
N ALA A 216 8.47 -7.34 -14.79
CA ALA A 216 7.34 -7.12 -15.68
C ALA A 216 6.05 -7.05 -14.88
N THR A 217 5.02 -6.41 -15.46
CA THR A 217 3.74 -6.19 -14.81
C THR A 217 2.90 -7.47 -14.68
N ASP A 218 3.58 -8.60 -14.56
CA ASP A 218 2.87 -9.87 -14.44
C ASP A 218 2.79 -10.25 -12.97
N ALA A 219 2.90 -11.54 -12.62
CA ALA A 219 2.87 -11.97 -11.22
C ALA A 219 4.22 -11.64 -10.60
N ASN A 220 5.19 -11.32 -11.45
CA ASN A 220 6.53 -11.01 -10.98
C ASN A 220 6.70 -9.55 -10.55
N TYR A 221 5.70 -8.70 -10.84
CA TYR A 221 5.70 -7.31 -10.35
C TYR A 221 5.84 -7.30 -8.85
N CYS A 222 6.67 -6.40 -8.34
CA CYS A 222 6.89 -6.29 -6.90
C CYS A 222 7.47 -4.93 -6.57
N LEU A 223 7.56 -4.60 -5.29
CA LEU A 223 8.20 -3.37 -4.83
C LEU A 223 9.59 -3.56 -4.27
N GLY A 224 10.53 -2.78 -4.78
CA GLY A 224 11.82 -2.61 -4.13
C GLY A 224 11.77 -1.32 -3.33
N MET A 225 12.87 -1.04 -2.64
CA MET A 225 12.97 0.19 -1.87
C MET A 225 14.41 0.66 -1.77
N LEU A 226 14.56 1.97 -1.87
CA LEU A 226 15.80 2.66 -1.57
C LEU A 226 15.59 3.46 -0.29
N SER A 227 16.63 3.54 0.56
CA SER A 227 16.56 4.30 1.80
C SER A 227 17.67 5.33 1.89
N ALA A 228 17.38 6.47 2.53
CA ALA A 228 18.36 7.53 2.74
C ALA A 228 18.05 8.34 3.99
N SER A 229 18.99 9.19 4.39
CA SER A 229 18.77 10.08 5.52
C SER A 229 18.16 11.39 5.01
N ALA A 230 17.21 11.97 5.76
CA ALA A 230 16.55 13.21 5.29
C ALA A 230 17.53 14.40 5.28
N SER A 231 18.67 14.21 5.94
CA SER A 231 19.76 15.20 5.95
C SER A 231 20.77 14.98 4.84
N ALA A 232 20.71 13.82 4.17
CA ALA A 232 21.64 13.50 3.09
C ALA A 232 21.36 14.28 1.80
N ASP A 233 22.41 14.39 0.98
CA ASP A 233 22.32 14.92 -0.38
C ASP A 233 21.61 13.86 -1.19
N LEU A 234 20.36 14.14 -1.59
CA LEU A 234 19.54 13.12 -2.23
C LEU A 234 19.88 12.95 -3.70
N LEU A 235 20.78 13.78 -4.20
CA LEU A 235 21.31 13.68 -5.57
C LEU A 235 22.64 12.95 -5.59
N ASN A 236 23.15 12.55 -4.44
CA ASN A 236 24.34 11.74 -4.45
C ASN A 236 23.89 10.28 -4.40
N ALA A 237 24.12 9.53 -5.48
CA ALA A 237 23.68 8.13 -5.55
C ALA A 237 24.02 7.31 -4.30
N ALA A 238 25.15 7.63 -3.67
CA ALA A 238 25.63 6.85 -2.52
C ALA A 238 24.91 7.21 -1.23
N SER A 239 23.97 8.15 -1.30
CA SER A 239 23.07 8.46 -0.17
C SER A 239 22.02 7.37 0.03
N TRP A 240 21.73 6.64 -1.04
CA TRP A 240 20.65 5.67 -1.12
C TRP A 240 21.14 4.22 -1.01
N THR A 241 20.39 3.41 -0.26
CA THR A 241 20.71 2.00 -0.11
C THR A 241 19.51 1.22 -0.65
N LYS A 242 19.76 0.35 -1.63
CA LYS A 242 18.76 -0.55 -2.19
C LYS A 242 18.59 -1.82 -1.33
N SER A 243 17.32 -2.16 -1.05
CA SER A 243 16.96 -3.38 -0.32
C SER A 243 17.20 -4.57 -1.22
N SER A 244 17.90 -5.60 -0.71
CA SER A 244 18.27 -6.81 -1.50
C SER A 244 17.11 -7.71 -1.90
N GLN A 245 16.00 -7.61 -1.17
CA GLN A 245 14.82 -8.39 -1.49
C GLN A 245 13.61 -7.46 -1.60
N PRO A 246 12.60 -7.85 -2.39
CA PRO A 246 11.41 -7.03 -2.49
C PRO A 246 10.89 -6.67 -1.11
N VAL A 247 10.28 -5.48 -0.99
CA VAL A 247 9.60 -5.08 0.24
C VAL A 247 8.10 -5.40 0.21
N PHE A 248 7.66 -5.90 -0.93
CA PHE A 248 6.25 -6.18 -1.18
C PHE A 248 6.19 -6.94 -2.49
N LYS A 249 5.59 -8.13 -2.44
CA LYS A 249 5.54 -9.05 -3.60
C LYS A 249 4.29 -9.89 -3.56
N THR A 250 4.08 -10.67 -4.60
CA THR A 250 2.99 -11.62 -4.71
C THR A 250 2.74 -12.48 -3.47
N SER A 251 1.49 -12.62 -3.07
CA SER A 251 1.10 -13.62 -2.05
C SER A 251 0.12 -14.63 -2.65
N GLU A 252 0.60 -15.84 -2.91
CA GLU A 252 -0.29 -16.90 -3.39
C GLU A 252 -1.36 -17.17 -2.32
N ALA A 253 -0.92 -17.23 -1.06
CA ALA A 253 -1.78 -17.49 0.09
C ALA A 253 -3.00 -16.58 0.17
N THR A 254 -2.84 -15.30 -0.19
CA THR A 254 -3.96 -14.34 -0.15
C THR A 254 -4.61 -14.09 -1.54
N GLY A 255 -4.05 -14.73 -2.56
CA GLY A 255 -4.57 -14.63 -3.92
C GLY A 255 -4.27 -13.26 -4.49
N GLN A 256 -3.05 -12.77 -4.28
CA GLN A 256 -2.71 -11.41 -4.70
C GLN A 256 -1.42 -11.43 -5.45
N TYR A 257 -1.52 -11.07 -6.73
CA TYR A 257 -0.40 -11.26 -7.67
C TYR A 257 0.13 -9.95 -8.25
N GLY A 258 1.45 -9.86 -8.24
CA GLY A 258 2.16 -8.74 -8.83
C GLY A 258 1.71 -7.41 -8.27
N PRO A 259 1.79 -7.24 -6.94
CA PRO A 259 1.43 -5.96 -6.34
C PRO A 259 2.52 -4.93 -6.66
N GLY A 260 2.09 -3.73 -7.00
CA GLY A 260 3.06 -2.68 -7.29
C GLY A 260 2.45 -1.41 -7.79
N HIS A 261 3.28 -0.66 -8.49
CA HIS A 261 3.01 0.74 -8.85
C HIS A 261 2.27 1.55 -7.77
N ASN A 262 2.96 1.77 -6.67
CA ASN A 262 2.30 2.31 -5.48
C ASN A 262 2.46 3.82 -5.27
N SER A 263 1.64 4.35 -4.38
CA SER A 263 1.82 5.67 -3.85
C SER A 263 1.43 5.58 -2.39
N PHE A 264 1.48 6.74 -1.72
CA PHE A 264 1.22 6.83 -0.32
C PHE A 264 0.25 7.96 -0.04
N THR A 265 -0.68 7.68 0.87
CA THR A 265 -1.53 8.69 1.42
C THR A 265 -1.64 8.50 2.93
N VAL A 266 -2.63 9.13 3.55
CA VAL A 266 -2.74 9.08 5.00
C VAL A 266 -4.17 8.88 5.41
N SER A 267 -4.35 8.24 6.57
CA SER A 267 -5.66 7.99 7.16
C SER A 267 -6.42 9.29 7.45
N GLU A 268 -7.73 9.14 7.66
CA GLU A 268 -8.65 10.27 7.97
C GLU A 268 -8.09 11.18 9.09
N ASP A 269 -7.54 10.60 10.14
CA ASP A 269 -7.00 11.40 11.26
C ASP A 269 -5.57 11.93 11.06
N GLY A 270 -5.02 11.77 9.85
CA GLY A 270 -3.61 12.08 9.60
C GLY A 270 -2.60 11.19 10.31
N LYS A 271 -3.07 10.21 11.08
CA LYS A 271 -2.17 9.48 11.97
C LYS A 271 -1.53 8.22 11.35
N SER A 272 -2.21 7.59 10.40
CA SER A 272 -1.69 6.36 9.81
C SER A 272 -1.25 6.59 8.37
N ASP A 273 -0.13 5.98 8.00
CA ASP A 273 0.30 6.01 6.62
C ASP A 273 -0.39 4.90 5.85
N ILE A 274 -0.83 5.23 4.65
CA ILE A 274 -1.56 4.27 3.84
C ILE A 274 -0.82 3.96 2.51
N LEU A 275 -0.58 2.68 2.29
CA LEU A 275 -0.06 2.15 1.03
C LEU A 275 -1.19 1.98 0.01
N VAL A 276 -1.03 2.60 -1.16
CA VAL A 276 -1.96 2.45 -2.27
C VAL A 276 -1.22 1.80 -3.43
N TYR A 277 -1.86 0.80 -4.03
CA TYR A 277 -1.19 0.05 -5.07
C TYR A 277 -2.19 -0.75 -5.88
N HIS A 278 -1.73 -1.37 -6.96
CA HIS A 278 -2.59 -2.26 -7.70
C HIS A 278 -2.05 -3.67 -7.63
N ASP A 279 -2.89 -4.64 -8.00
CA ASP A 279 -2.48 -6.02 -8.22
C ASP A 279 -3.56 -6.76 -9.01
N ARG A 280 -3.30 -8.05 -9.24
CA ARG A 280 -4.30 -8.94 -9.80
C ARG A 280 -4.63 -10.08 -8.85
N ASN A 281 -5.85 -10.60 -8.96
CA ASN A 281 -6.22 -11.76 -8.14
C ASN A 281 -6.04 -13.09 -8.87
N TYR A 282 -5.26 -13.11 -9.94
CA TYR A 282 -4.88 -14.36 -10.63
C TYR A 282 -3.45 -14.24 -11.09
N LYS A 283 -2.79 -15.37 -11.28
CA LYS A 283 -1.36 -15.41 -11.58
C LYS A 283 -0.98 -15.15 -13.06
N ASP A 284 -1.56 -15.91 -13.98
CA ASP A 284 -1.10 -15.89 -15.35
C ASP A 284 -2.09 -15.06 -16.19
N ILE A 285 -1.57 -14.05 -16.89
CA ILE A 285 -2.41 -13.21 -17.77
C ILE A 285 -2.65 -13.95 -19.06
N SER A 286 -3.82 -13.78 -19.65
CA SER A 286 -4.04 -14.28 -20.99
C SER A 286 -4.21 -13.10 -21.95
N GLY A 287 -3.74 -13.30 -23.17
CA GLY A 287 -3.57 -12.23 -24.12
C GLY A 287 -2.35 -11.37 -23.85
N ASP A 288 -2.19 -10.38 -24.72
CA ASP A 288 -1.23 -9.29 -24.60
C ASP A 288 -1.34 -8.58 -23.25
N PRO A 289 -0.29 -8.66 -22.42
CA PRO A 289 -0.41 -8.07 -21.07
C PRO A 289 -0.80 -6.59 -21.01
N LEU A 290 -0.40 -5.77 -22.00
CA LEU A 290 -0.84 -4.35 -22.05
C LEU A 290 -2.34 -4.27 -22.18
N ASN A 291 -2.93 -5.28 -22.81
CA ASN A 291 -4.36 -5.25 -23.08
C ASN A 291 -5.21 -5.83 -21.96
N ASP A 292 -4.58 -6.50 -20.99
CA ASP A 292 -5.32 -7.08 -19.87
C ASP A 292 -5.62 -6.01 -18.85
N PRO A 293 -6.91 -5.70 -18.70
CA PRO A 293 -7.41 -4.57 -17.94
C PRO A 293 -7.69 -4.87 -16.47
N ASN A 294 -7.24 -6.01 -15.95
CA ASN A 294 -7.77 -6.48 -14.66
C ASN A 294 -7.11 -5.94 -13.39
N ARG A 295 -5.95 -5.29 -13.54
CA ARG A 295 -5.31 -4.63 -12.39
C ARG A 295 -6.27 -3.77 -11.61
N ARG A 296 -6.24 -3.90 -10.28
CA ARG A 296 -7.12 -3.07 -9.45
C ARG A 296 -6.48 -2.42 -8.24
N THR A 297 -7.12 -1.37 -7.77
CA THR A 297 -6.59 -0.48 -6.75
C THR A 297 -6.94 -0.96 -5.34
N ARG A 298 -5.91 -1.05 -4.50
CA ARG A 298 -6.07 -1.57 -3.14
C ARG A 298 -5.40 -0.65 -2.11
N LEU A 299 -5.91 -0.70 -0.87
CA LEU A 299 -5.40 0.12 0.24
C LEU A 299 -5.05 -0.75 1.43
N GLN A 300 -3.95 -0.43 2.11
CA GLN A 300 -3.67 -1.02 3.43
C GLN A 300 -2.68 -0.18 4.21
N LYS A 301 -2.82 -0.19 5.53
CA LYS A 301 -2.02 0.63 6.42
C LYS A 301 -0.56 0.13 6.39
N VAL A 302 0.36 1.09 6.45
CA VAL A 302 1.76 0.80 6.59
C VAL A 302 1.98 0.81 8.08
N TYR A 303 2.73 -0.19 8.56
CA TYR A 303 3.17 -0.25 9.93
C TYR A 303 4.66 0.06 9.98
N TRP A 304 5.07 0.69 11.07
CA TRP A 304 6.45 1.07 11.21
C TRP A 304 7.21 0.15 12.13
N ASN A 305 8.32 -0.37 11.63
CA ASN A 305 9.22 -1.22 12.45
C ASN A 305 9.85 -0.42 13.57
N ALA A 306 10.37 -1.10 14.59
CA ALA A 306 11.01 -0.43 15.72
C ALA A 306 12.29 0.33 15.31
N ASP A 307 12.92 -0.10 14.22
CA ASP A 307 14.11 0.53 13.68
C ASP A 307 13.75 1.65 12.69
N GLY A 308 12.43 1.93 12.61
CA GLY A 308 11.89 3.05 11.83
C GLY A 308 11.77 2.83 10.33
N THR A 309 12.05 1.63 9.86
CA THR A 309 11.77 1.26 8.47
C THR A 309 10.27 0.92 8.33
N PRO A 310 9.72 1.05 7.11
CA PRO A 310 8.29 0.72 6.91
C PRO A 310 8.11 -0.79 6.80
N ASN A 311 6.95 -1.30 7.14
CA ASN A 311 6.70 -2.74 7.04
C ASN A 311 5.42 -2.83 6.29
N PHE A 312 5.50 -3.34 5.05
CA PHE A 312 4.34 -3.41 4.19
C PHE A 312 3.59 -4.73 4.33
N GLY A 313 4.23 -5.72 4.96
CA GLY A 313 3.58 -7.00 5.19
C GLY A 313 3.41 -7.70 3.87
N ILE A 314 2.29 -8.40 3.73
CA ILE A 314 1.96 -9.04 2.47
C ILE A 314 0.71 -8.33 1.87
N PRO A 315 0.48 -8.45 0.54
CA PRO A 315 -0.80 -7.89 0.10
C PRO A 315 -1.92 -8.75 0.68
N VAL A 316 -2.89 -8.10 1.33
CA VAL A 316 -3.94 -8.79 2.10
C VAL A 316 -5.07 -9.32 1.25
N ALA A 317 -5.77 -10.31 1.81
CA ALA A 317 -6.93 -10.91 1.19
C ALA A 317 -8.00 -9.84 0.92
N ASP A 318 -8.80 -10.09 -0.10
CA ASP A 318 -9.92 -9.21 -0.45
C ASP A 318 -10.93 -9.18 0.66
N GLY A 319 -11.83 -8.20 0.59
CA GLY A 319 -12.79 -7.99 1.66
C GLY A 319 -12.22 -6.96 2.61
N VAL A 320 -12.65 -6.98 3.88
CA VAL A 320 -12.19 -6.03 4.91
C VAL A 320 -10.72 -6.31 5.27
N THR A 321 -9.97 -5.27 5.62
CA THR A 321 -8.55 -5.45 5.97
C THR A 321 -8.38 -6.04 7.37
N PRO A 322 -7.26 -6.75 7.63
CA PRO A 322 -6.98 -7.32 8.94
C PRO A 322 -6.57 -6.26 9.97
N VAL A 323 -6.55 -6.64 11.25
CA VAL A 323 -6.14 -5.76 12.34
C VAL A 323 -5.07 -6.42 13.21
N ARG A 324 -4.44 -5.62 14.08
CA ARG A 324 -3.48 -6.12 15.07
C ARG A 324 -4.02 -5.85 16.47
N PHE A 325 -3.74 -6.74 17.41
CA PHE A 325 -4.26 -6.58 18.76
C PHE A 325 -3.08 -6.50 19.71
N SER A 326 -3.05 -5.45 20.52
CA SER A 326 -1.96 -5.32 21.48
C SER A 326 -2.49 -5.54 22.89
N SER A 327 -1.58 -5.96 23.78
CA SER A 327 -1.91 -6.26 25.15
C SER A 327 -2.15 -5.00 25.97
N TYR A 328 -3.10 -5.06 26.91
CA TYR A 328 -3.30 -3.98 27.88
C TYR A 328 -2.07 -3.76 28.73
N ASN A 329 -1.58 -4.83 29.35
CA ASN A 329 -0.48 -4.65 30.27
C ASN A 329 0.87 -4.67 29.59
N TYR A 330 0.94 -5.12 28.35
CA TYR A 330 2.19 -5.03 27.62
C TYR A 330 1.95 -4.41 26.25
N PRO A 331 1.82 -3.07 26.22
CA PRO A 331 1.23 -2.42 25.07
C PRO A 331 2.10 -2.50 23.82
N ASP A 332 3.38 -2.86 24.00
CA ASP A 332 4.31 -3.14 22.89
C ASP A 332 4.10 -4.49 22.19
N ARG A 333 3.25 -5.34 22.78
CA ARG A 333 3.20 -6.75 22.37
C ARG A 333 1.88 -7.06 21.73
N TYR A 334 1.95 -7.82 20.64
CA TYR A 334 0.79 -8.03 19.79
C TYR A 334 0.51 -9.49 19.73
N ILE A 335 -0.75 -9.85 19.60
CA ILE A 335 -1.11 -11.24 19.33
C ILE A 335 -0.48 -11.62 18.01
N ARG A 336 0.36 -12.66 18.04
CA ARG A 336 0.94 -13.21 16.82
C ARG A 336 1.16 -14.72 16.89
N HIS A 337 1.22 -15.37 15.73
CA HIS A 337 1.44 -16.80 15.72
C HIS A 337 2.89 -17.17 15.37
N TRP A 338 3.39 -18.26 15.95
CA TRP A 338 4.72 -18.75 15.58
C TRP A 338 4.74 -20.26 15.76
N ASP A 339 5.23 -20.97 14.76
CA ASP A 339 4.93 -22.39 14.60
C ASP A 339 3.44 -22.69 14.92
N PHE A 340 2.57 -21.77 14.47
CA PHE A 340 1.11 -21.86 14.63
C PHE A 340 0.61 -21.82 16.09
N ARG A 341 1.52 -21.53 17.03
CA ARG A 341 1.10 -21.26 18.42
C ARG A 341 0.90 -19.75 18.63
N ALA A 342 -0.22 -19.36 19.25
CA ALA A 342 -0.52 -17.95 19.51
C ALA A 342 0.15 -17.49 20.79
N ARG A 343 0.65 -16.26 20.77
CA ARG A 343 1.44 -15.70 21.86
C ARG A 343 1.34 -14.20 21.74
N ILE A 344 1.85 -13.47 22.71
CA ILE A 344 2.11 -12.04 22.53
C ILE A 344 3.61 -11.79 22.43
N GLU A 345 3.97 -10.93 21.49
CA GLU A 345 5.36 -10.60 21.24
C GLU A 345 5.47 -9.15 20.72
N ALA A 346 6.53 -8.44 21.14
CA ALA A 346 6.85 -7.10 20.64
C ALA A 346 7.75 -7.14 19.39
N ASN A 347 7.68 -6.07 18.59
CA ASN A 347 8.57 -5.88 17.41
C ASN A 347 8.50 -7.05 16.45
N VAL A 348 7.29 -7.34 16.01
CA VAL A 348 7.07 -8.48 15.13
C VAL A 348 7.66 -8.12 13.78
N THR A 349 8.67 -8.87 13.34
CA THR A 349 9.28 -8.65 12.03
C THR A 349 8.41 -9.22 10.91
N ASN A 350 7.92 -10.44 11.09
CA ASN A 350 6.98 -11.04 10.15
C ASN A 350 5.59 -10.50 10.41
N LEU A 351 5.35 -9.28 9.95
CA LEU A 351 4.17 -8.52 10.30
C LEU A 351 2.88 -9.31 10.25
N ALA A 352 2.69 -10.09 9.17
CA ALA A 352 1.39 -10.77 8.96
C ALA A 352 1.08 -11.87 9.96
N ASP A 353 2.11 -12.39 10.66
CA ASP A 353 1.90 -13.31 11.77
C ASP A 353 1.08 -12.63 12.87
N SER A 354 0.88 -11.32 12.76
CA SER A 354 0.19 -10.58 13.82
C SER A 354 -1.01 -9.76 13.31
N GLN A 355 -1.51 -10.11 12.14
CA GLN A 355 -2.73 -9.52 11.62
C GLN A 355 -3.80 -10.58 11.53
N PHE A 356 -5.02 -10.21 11.93
CA PHE A 356 -6.18 -11.10 11.96
C PHE A 356 -7.38 -10.25 11.57
N ARG A 357 -8.29 -10.75 10.75
CA ARG A 357 -9.50 -9.94 10.60
C ARG A 357 -10.64 -10.49 11.43
N VAL A 358 -11.38 -9.58 12.02
CA VAL A 358 -12.59 -9.89 12.76
C VAL A 358 -13.68 -10.17 11.74
N VAL A 359 -14.25 -11.37 11.80
CA VAL A 359 -15.33 -11.80 10.89
C VAL A 359 -16.51 -12.29 11.71
N THR A 360 -17.68 -12.41 11.05
CA THR A 360 -18.83 -13.11 11.63
C THR A 360 -18.39 -14.45 12.24
N GLY A 361 -18.73 -14.64 13.51
CA GLY A 361 -18.32 -15.84 14.21
C GLY A 361 -18.75 -17.09 13.50
N LEU A 362 -17.90 -18.11 13.55
CA LEU A 362 -18.21 -19.39 12.95
C LEU A 362 -19.38 -20.08 13.64
N ALA A 363 -19.41 -20.06 14.98
CA ALA A 363 -20.37 -20.83 15.78
C ALA A 363 -21.77 -20.25 15.80
N GLY A 364 -21.90 -18.98 15.40
CA GLY A 364 -23.20 -18.34 15.24
C GLY A 364 -23.70 -17.62 16.47
N SER A 365 -24.83 -16.95 16.31
CA SER A 365 -25.48 -16.18 17.39
C SER A 365 -24.76 -14.86 17.73
N GLY A 366 -24.23 -14.19 16.70
CA GLY A 366 -23.66 -12.83 16.89
C GLY A 366 -22.27 -12.79 17.51
N THR A 367 -21.63 -13.97 17.62
CA THR A 367 -20.23 -14.08 18.01
C THR A 367 -19.29 -13.60 16.90
N ILE A 368 -17.99 -13.69 17.16
CA ILE A 368 -16.97 -13.31 16.17
C ILE A 368 -15.82 -14.32 16.12
N SER A 369 -15.19 -14.40 14.95
CA SER A 369 -14.00 -15.20 14.75
C SER A 369 -12.85 -14.34 14.21
N LEU A 370 -11.64 -14.85 14.33
CA LEU A 370 -10.47 -14.08 13.98
C LEU A 370 -9.62 -14.86 13.01
N GLU A 371 -9.73 -14.48 11.74
CA GLU A 371 -9.04 -15.16 10.66
C GLU A 371 -7.62 -14.63 10.51
N SER A 372 -6.65 -15.53 10.37
CA SER A 372 -5.29 -15.15 10.03
C SER A 372 -5.18 -14.39 8.69
N ALA A 373 -4.37 -13.34 8.66
CA ALA A 373 -4.18 -12.58 7.42
C ALA A 373 -3.22 -13.30 6.48
N ASN A 374 -2.21 -14.03 7.01
CA ASN A 374 -1.27 -14.76 6.16
C ASN A 374 -1.68 -16.22 5.87
N TYR A 375 -2.57 -16.76 6.69
CA TYR A 375 -3.12 -18.05 6.36
C TYR A 375 -4.64 -17.98 6.30
N PRO A 376 -5.19 -17.42 5.19
CA PRO A 376 -6.66 -17.37 5.17
C PRO A 376 -7.33 -18.73 5.46
N GLY A 377 -8.50 -18.68 6.09
CA GLY A 377 -9.21 -19.89 6.52
C GLY A 377 -8.59 -20.65 7.68
N TYR A 378 -7.50 -20.15 8.24
CA TYR A 378 -7.02 -20.58 9.55
C TYR A 378 -7.51 -19.53 10.51
N TYR A 379 -7.76 -19.95 11.75
CA TYR A 379 -8.34 -19.05 12.71
C TYR A 379 -7.65 -19.22 14.05
N LEU A 380 -7.69 -18.16 14.87
CA LEU A 380 -7.38 -18.34 16.28
C LEU A 380 -8.50 -19.18 16.85
N ARG A 381 -8.06 -20.30 17.40
CA ARG A 381 -8.97 -21.24 18.02
C ARG A 381 -8.28 -21.92 19.19
N HIS A 382 -9.05 -22.40 20.17
CA HIS A 382 -8.45 -23.13 21.29
C HIS A 382 -8.58 -24.64 21.20
N LYS A 383 -7.58 -25.32 21.73
CA LYS A 383 -7.62 -26.74 21.90
C LYS A 383 -6.91 -27.01 23.22
N ASN A 384 -7.55 -27.78 24.11
CA ASN A 384 -7.06 -28.01 25.48
C ASN A 384 -6.69 -26.70 26.19
N TYR A 385 -7.51 -25.68 25.93
CA TYR A 385 -7.38 -24.35 26.54
C TYR A 385 -6.15 -23.53 26.08
N GLU A 386 -5.33 -24.09 25.19
CA GLU A 386 -4.19 -23.40 24.58
C GLU A 386 -4.62 -22.82 23.21
N VAL A 387 -4.11 -21.66 22.82
CA VAL A 387 -4.58 -20.99 21.59
C VAL A 387 -3.60 -21.17 20.44
N TRP A 388 -4.14 -21.62 19.30
CA TRP A 388 -3.37 -21.88 18.09
C TRP A 388 -4.03 -21.20 16.87
N VAL A 389 -3.31 -21.20 15.75
CA VAL A 389 -3.82 -20.81 14.44
C VAL A 389 -3.82 -22.07 13.56
N GLU A 390 -5.02 -22.43 13.10
CA GLU A 390 -5.29 -23.75 12.50
C GLU A 390 -6.39 -23.65 11.48
N LYS A 391 -6.34 -24.56 10.53
CA LYS A 391 -7.26 -24.55 9.40
C LYS A 391 -8.69 -24.92 9.82
N ASN A 392 -9.66 -24.07 9.49
CA ASN A 392 -11.06 -24.48 9.61
C ASN A 392 -11.27 -25.72 8.75
N ASP A 393 -11.63 -26.84 9.41
CA ASP A 393 -11.88 -28.12 8.74
C ASP A 393 -13.37 -28.41 8.52
N GLY A 394 -14.20 -27.43 8.85
CA GLY A 394 -15.66 -27.53 8.58
C GLY A 394 -16.47 -28.13 9.72
N SER A 395 -15.80 -28.80 10.65
CA SER A 395 -16.46 -29.44 11.78
C SER A 395 -17.15 -28.43 12.74
N SER A 396 -18.07 -28.96 13.54
CA SER A 396 -18.72 -28.17 14.58
C SER A 396 -17.78 -27.83 15.74
N ALA A 397 -16.89 -28.76 16.08
CA ALA A 397 -15.88 -28.52 17.12
C ALA A 397 -15.13 -27.21 16.81
N PHE A 398 -14.52 -27.15 15.62
CA PHE A 398 -13.69 -26.03 15.22
C PHE A 398 -14.50 -24.75 15.23
N LYS A 399 -15.70 -24.81 14.69
CA LYS A 399 -16.61 -23.69 14.69
C LYS A 399 -16.69 -23.08 16.12
N ASN A 400 -16.74 -23.98 17.10
CA ASN A 400 -16.95 -23.60 18.50
C ASN A 400 -15.67 -23.16 19.22
N ASP A 401 -14.53 -23.76 18.86
CA ASP A 401 -13.26 -23.31 19.42
C ASP A 401 -12.77 -22.00 18.85
N ALA A 402 -13.38 -21.55 17.75
CA ALA A 402 -12.90 -20.41 17.02
C ALA A 402 -13.92 -19.29 17.03
N SER A 403 -14.87 -19.36 17.97
CA SER A 403 -15.82 -18.27 18.15
C SER A 403 -15.79 -17.74 19.58
N PHE A 404 -15.93 -16.43 19.67
CA PHE A 404 -15.77 -15.75 20.92
C PHE A 404 -16.82 -14.69 21.00
N SER A 405 -17.27 -14.38 22.21
CA SER A 405 -18.13 -13.25 22.39
C SER A 405 -17.24 -12.05 22.64
N ARG A 406 -17.45 -11.01 21.83
CA ARG A 406 -16.71 -9.77 21.92
C ARG A 406 -17.19 -8.99 23.16
N ARG A 407 -16.32 -8.85 24.16
CA ARG A 407 -16.66 -8.15 25.38
C ARG A 407 -15.87 -6.86 25.50
N ALA A 408 -16.43 -5.89 26.21
CA ALA A 408 -15.67 -4.70 26.63
C ALA A 408 -14.45 -5.19 27.39
N GLY A 409 -13.32 -4.54 27.20
CA GLY A 409 -12.10 -4.92 27.91
C GLY A 409 -12.33 -5.03 29.40
N LEU A 410 -11.67 -6.00 30.04
CA LEU A 410 -11.90 -6.30 31.45
C LEU A 410 -11.10 -5.40 32.37
N ALA A 411 -9.98 -4.88 31.85
CA ALA A 411 -9.23 -3.83 32.51
C ALA A 411 -9.51 -2.48 31.89
N ASP A 412 -10.22 -2.44 30.75
CA ASP A 412 -10.63 -1.18 30.10
C ASP A 412 -11.96 -1.28 29.37
N SER A 413 -13.05 -0.98 30.09
CA SER A 413 -14.42 -1.12 29.57
C SER A 413 -14.72 -0.21 28.38
N ALA A 414 -14.19 1.02 28.41
CA ALA A 414 -14.40 1.99 27.35
C ALA A 414 -13.72 1.62 26.01
N ASP A 415 -12.40 1.43 26.03
CA ASP A 415 -11.60 1.32 24.79
C ASP A 415 -11.00 -0.05 24.54
N GLY A 416 -10.93 -0.87 25.57
CA GLY A 416 -10.38 -2.21 25.45
C GLY A 416 -11.37 -3.22 24.91
N ILE A 417 -10.86 -4.37 24.52
CA ILE A 417 -11.66 -5.47 24.02
C ILE A 417 -11.18 -6.76 24.70
N ALA A 418 -12.13 -7.68 24.93
CA ALA A 418 -11.87 -8.97 25.57
C ALA A 418 -12.65 -10.07 24.83
N PHE A 419 -12.07 -11.27 24.77
CA PHE A 419 -12.66 -12.33 23.96
C PHE A 419 -13.10 -13.51 24.83
N GLU A 420 -14.41 -13.61 25.05
CA GLU A 420 -14.96 -14.67 25.89
C GLU A 420 -15.28 -15.85 25.03
N SER A 421 -14.75 -17.00 25.40
CA SER A 421 -15.04 -18.24 24.69
C SER A 421 -16.54 -18.48 24.54
N TYR A 422 -16.94 -19.00 23.38
CA TYR A 422 -18.35 -19.25 23.13
C TYR A 422 -18.78 -20.58 23.73
N ASN A 423 -17.90 -21.59 23.64
CA ASN A 423 -18.19 -22.90 24.15
C ASN A 423 -17.66 -23.14 25.56
N TYR A 424 -16.87 -22.19 26.06
CA TYR A 424 -16.49 -22.16 27.48
C TYR A 424 -16.74 -20.77 28.07
N PRO A 425 -18.02 -20.39 28.20
CA PRO A 425 -18.31 -19.08 28.80
C PRO A 425 -17.62 -18.95 30.16
N GLY A 426 -17.24 -17.72 30.50
CA GLY A 426 -16.39 -17.47 31.68
C GLY A 426 -14.90 -17.80 31.53
N ARG A 427 -14.52 -18.45 30.42
CA ARG A 427 -13.10 -18.52 30.06
C ARG A 427 -12.80 -17.45 29.00
N TYR A 428 -11.68 -16.75 29.17
CA TYR A 428 -11.32 -15.64 28.29
C TYR A 428 -9.96 -15.89 27.66
N LEU A 429 -9.77 -15.32 26.48
CA LEU A 429 -8.48 -15.28 25.86
C LEU A 429 -7.56 -14.41 26.74
N ARG A 430 -6.39 -14.92 27.11
CA ARG A 430 -5.46 -14.21 27.98
C ARG A 430 -4.06 -14.74 27.77
N HIS A 431 -3.06 -13.89 28.02
CA HIS A 431 -1.68 -14.33 27.86
C HIS A 431 -1.17 -14.75 29.22
N TYR A 432 -0.29 -15.74 29.21
CA TYR A 432 0.33 -16.17 30.43
C TYR A 432 1.65 -16.75 30.01
N GLU A 433 2.73 -16.20 30.54
CA GLU A 433 4.05 -16.64 30.15
C GLU A 433 4.24 -16.40 28.66
N ASN A 434 3.61 -15.32 28.17
CA ASN A 434 3.64 -14.90 26.75
C ASN A 434 2.76 -15.69 25.79
N LEU A 435 2.26 -16.85 26.22
CA LEU A 435 1.48 -17.72 25.34
C LEU A 435 0.03 -17.46 25.58
N LEU A 436 -0.78 -17.54 24.55
CA LEU A 436 -2.19 -17.28 24.72
C LEU A 436 -2.93 -18.55 25.13
N ARG A 437 -3.91 -18.38 26.02
CA ARG A 437 -4.66 -19.49 26.60
C ARG A 437 -6.10 -19.02 26.68
N ILE A 438 -7.04 -19.93 26.94
CA ILE A 438 -8.34 -19.48 27.43
C ILE A 438 -8.58 -20.00 28.85
N GLN A 439 -8.65 -19.07 29.78
CA GLN A 439 -8.61 -19.40 31.20
C GLN A 439 -9.60 -18.52 31.92
N PRO A 440 -10.10 -18.99 33.08
CA PRO A 440 -10.98 -18.12 33.86
C PRO A 440 -10.21 -16.90 34.43
N VAL A 441 -10.91 -15.78 34.52
CA VAL A 441 -10.34 -14.50 34.88
C VAL A 441 -10.79 -14.04 36.28
N SER A 442 -9.83 -13.92 37.20
CA SER A 442 -10.17 -13.64 38.62
C SER A 442 -9.54 -12.36 39.19
N THR A 443 -8.22 -12.38 39.38
CA THR A 443 -7.45 -11.25 39.88
C THR A 443 -7.42 -10.07 38.92
N ALA A 444 -7.20 -8.86 39.45
CA ALA A 444 -7.07 -7.64 38.63
C ALA A 444 -6.03 -7.82 37.52
N LEU A 445 -4.99 -8.58 37.83
CA LEU A 445 -3.93 -8.86 36.89
C LEU A 445 -4.35 -9.80 35.74
N ASP A 446 -5.30 -10.71 36.04
CA ASP A 446 -5.87 -11.63 35.06
C ASP A 446 -6.73 -10.84 34.12
N ARG A 447 -7.44 -9.85 34.66
CA ARG A 447 -8.26 -8.97 33.85
C ARG A 447 -7.44 -8.08 32.87
N GLN A 448 -6.17 -7.83 33.21
CA GLN A 448 -5.27 -7.07 32.32
C GLN A 448 -4.69 -8.02 31.28
N ASP A 449 -4.40 -9.25 31.70
CA ASP A 449 -3.91 -10.32 30.85
C ASP A 449 -4.92 -10.68 29.76
N ALA A 450 -6.19 -10.35 30.00
CA ALA A 450 -7.26 -10.66 29.08
C ALA A 450 -7.87 -9.45 28.39
N THR A 451 -7.18 -8.30 28.48
CA THR A 451 -7.63 -7.08 27.78
C THR A 451 -6.63 -6.70 26.67
N PHE A 452 -7.18 -6.26 25.55
CA PHE A 452 -6.41 -6.03 24.32
C PHE A 452 -6.96 -4.79 23.62
N TYR A 453 -6.17 -4.23 22.69
CA TYR A 453 -6.63 -3.12 21.84
C TYR A 453 -6.51 -3.48 20.38
N ALA A 454 -7.55 -3.17 19.62
CA ALA A 454 -7.50 -3.35 18.18
C ALA A 454 -7.03 -2.03 17.65
N GLU A 455 -5.99 -2.08 16.83
CA GLU A 455 -5.50 -0.91 16.07
C GLU A 455 -5.26 0.41 16.85
N LYS A 456 -4.25 0.42 17.73
CA LYS A 456 -3.91 1.62 18.49
C LYS A 456 -2.56 2.25 18.10
CL CL B . 9.10 -11.96 14.03
NA NA C . 3.57 7.22 -9.63
C1 GOL D . 1.81 1.72 -17.07
O1 GOL D . 0.82 0.96 -16.40
C2 GOL D . 3.22 1.44 -16.57
O2 GOL D . 3.42 0.06 -16.25
C3 GOL D . 3.55 2.33 -15.36
O3 GOL D . 4.78 1.96 -14.76
C1 GOL E . 5.96 -19.61 11.86
O1 GOL E . 6.71 -20.68 11.34
C2 GOL E . 4.73 -19.43 10.99
O2 GOL E . 4.40 -18.06 10.74
C3 GOL E . 3.59 -20.31 11.50
O3 GOL E . 2.93 -19.70 12.57
#